data_2YAB
#
_entry.id   2YAB
#
_cell.length_a   63.140
_cell.length_b   85.370
_cell.length_c   123.990
_cell.angle_alpha   90.00
_cell.angle_beta   90.00
_cell.angle_gamma   90.00
#
_symmetry.space_group_name_H-M   'P 21 21 21'
#
loop_
_entity.id
_entity.type
_entity.pdbx_description
1 polymer 'DEATH-ASSOCIATED PROTEIN KINASE 2'
2 non-polymer 'ADENOSINE MONOPHOSPHATE'
3 non-polymer 'SULFATE ION'
4 non-polymer 'CALCIUM ION'
5 water water
#
_entity_poly.entity_id   1
_entity_poly.type   'polypeptide(L)'
_entity_poly.pdbx_seq_one_letter_code
;GMETFKQQKVEDFYDIGEELGSGQFAIVKKCREKSTGLEYAAKFIKKRQSRASRRGVCREEIEREVSILRQVLHPNIITL
HDVYENRTDVVLILELVSGGELFDFLAQKESLSEEEATSFIKQILDGVNYLHTKKIAHFDLKPENIMLLDKNIPIPHIKL
IDFGLAHEIEDGVEFKNIFGTPEFVAPEIVNYEPLGLEADMWSIGVITYILLSGASPFLGDTKQETLANITAVSYDFDEE
FFSQTSELAKDFIRKLLVKETRKRLTIQEALRHPWITPVDTQQAMVRRESVVNLENFKKQYVRRRWKLSFSIVSLCNHLT
RSLMKKVHLRTSEDLRNCESDTEENIARRKALHPRRRSSTS
;
_entity_poly.pdbx_strand_id   A,B
#
# COMPACT_ATOMS: atom_id res chain seq x y z
N THR A 4 -28.28 -7.47 -5.89
CA THR A 4 -27.97 -8.89 -5.79
C THR A 4 -27.03 -9.32 -6.91
N PHE A 5 -26.07 -10.18 -6.59
CA PHE A 5 -25.20 -10.77 -7.59
C PHE A 5 -25.81 -12.09 -8.04
N LYS A 6 -25.70 -12.38 -9.34
CA LYS A 6 -26.20 -13.64 -9.87
C LYS A 6 -25.37 -14.80 -9.38
N GLN A 7 -26.02 -15.75 -8.71
CA GLN A 7 -25.34 -16.93 -8.18
C GLN A 7 -25.31 -18.00 -9.25
N GLN A 8 -24.51 -17.75 -10.27
CA GLN A 8 -24.45 -18.62 -11.43
C GLN A 8 -23.02 -18.62 -11.96
N LYS A 9 -22.64 -19.66 -12.69
CA LYS A 9 -21.31 -19.71 -13.25
C LYS A 9 -21.26 -18.76 -14.43
N VAL A 10 -20.39 -17.78 -14.38
CA VAL A 10 -20.29 -16.80 -15.48
C VAL A 10 -19.91 -17.54 -16.76
N GLU A 11 -19.15 -18.62 -16.62
CA GLU A 11 -18.71 -19.40 -17.78
C GLU A 11 -19.87 -20.06 -18.52
N ASP A 12 -20.98 -20.25 -17.82
CA ASP A 12 -22.17 -20.84 -18.44
C ASP A 12 -22.79 -19.86 -19.43
N PHE A 13 -22.51 -18.57 -19.24
CA PHE A 13 -23.14 -17.53 -20.05
C PHE A 13 -22.17 -16.72 -20.92
N TYR A 14 -20.87 -16.84 -20.64
CA TYR A 14 -19.84 -16.10 -21.36
C TYR A 14 -18.70 -17.02 -21.74
N ASP A 15 -18.17 -16.84 -22.95
CA ASP A 15 -16.87 -17.39 -23.31
C ASP A 15 -15.80 -16.44 -22.79
N ILE A 16 -14.92 -16.95 -21.93
CA ILE A 16 -13.88 -16.12 -21.33
C ILE A 16 -12.63 -16.21 -22.20
N GLY A 17 -12.10 -15.06 -22.58
CA GLY A 17 -10.96 -14.98 -23.47
C GLY A 17 -9.71 -14.45 -22.78
N GLU A 18 -8.87 -13.72 -23.51
CA GLU A 18 -7.55 -13.38 -23.00
C GLU A 18 -7.57 -12.25 -21.98
N GLU A 19 -6.51 -12.19 -21.20
CA GLU A 19 -6.40 -11.21 -20.13
C GLU A 19 -6.20 -9.81 -20.71
N LEU A 20 -6.88 -8.84 -20.11
CA LEU A 20 -6.80 -7.44 -20.50
C LEU A 20 -5.90 -6.69 -19.54
N GLY A 21 -5.93 -7.09 -18.27
CA GLY A 21 -5.07 -6.49 -17.28
C GLY A 21 -5.37 -7.09 -15.92
N SER A 22 -4.65 -6.65 -14.91
CA SER A 22 -4.88 -7.15 -13.56
C SER A 22 -4.60 -6.09 -12.51
N GLY A 23 -4.92 -6.42 -11.26
CA GLY A 23 -4.74 -5.51 -10.14
C GLY A 23 -4.71 -6.30 -8.85
N GLN A 24 -4.88 -5.61 -7.73
CA GLN A 24 -4.91 -6.27 -6.43
C GLN A 24 -6.21 -7.04 -6.25
N PHE A 25 -6.13 -8.36 -6.35
CA PHE A 25 -7.29 -9.21 -6.17
C PHE A 25 -8.31 -8.99 -7.27
N ALA A 26 -7.84 -8.53 -8.42
CA ALA A 26 -8.68 -8.46 -9.60
C ALA A 26 -7.91 -8.88 -10.84
N ILE A 27 -8.58 -9.65 -11.69
CA ILE A 27 -8.07 -9.99 -13.00
C ILE A 27 -9.19 -9.72 -14.01
N VAL A 28 -8.86 -9.00 -15.08
CA VAL A 28 -9.86 -8.60 -16.07
C VAL A 28 -9.59 -9.31 -17.39
N LYS A 29 -10.63 -9.92 -17.95
CA LYS A 29 -10.51 -10.69 -19.19
C LYS A 29 -11.58 -10.28 -20.20
N LYS A 30 -11.23 -10.32 -21.47
CA LYS A 30 -12.23 -10.19 -22.53
C LYS A 30 -13.23 -11.31 -22.35
N CYS A 31 -14.48 -11.07 -22.73
CA CYS A 31 -15.46 -12.13 -22.75
C CYS A 31 -16.52 -11.80 -23.78
N ARG A 32 -17.32 -12.80 -24.13
CA ARG A 32 -18.38 -12.61 -25.09
C ARG A 32 -19.59 -13.32 -24.55
N GLU A 33 -20.70 -12.59 -24.42
CA GLU A 33 -21.92 -13.20 -23.91
C GLU A 33 -22.49 -14.12 -24.99
N LYS A 34 -22.69 -15.39 -24.65
CA LYS A 34 -23.08 -16.40 -25.64
C LYS A 34 -24.42 -16.09 -26.32
N SER A 35 -25.36 -15.57 -25.55
CA SER A 35 -26.72 -15.36 -26.03
C SER A 35 -26.83 -14.22 -27.03
N THR A 36 -25.87 -13.30 -27.03
CA THR A 36 -25.92 -12.15 -27.92
C THR A 36 -24.69 -12.01 -28.80
N GLY A 37 -23.62 -12.75 -28.47
CA GLY A 37 -22.35 -12.57 -29.14
C GLY A 37 -21.66 -11.23 -28.88
N LEU A 38 -22.14 -10.46 -27.91
CA LEU A 38 -21.54 -9.14 -27.66
C LEU A 38 -20.33 -9.26 -26.72
N GLU A 39 -19.30 -8.46 -26.96
CA GLU A 39 -18.08 -8.52 -26.16
C GLU A 39 -18.09 -7.55 -24.98
N TYR A 40 -17.49 -7.98 -23.88
CA TYR A 40 -17.42 -7.22 -22.64
C TYR A 40 -16.05 -7.48 -22.01
N ALA A 41 -15.77 -6.82 -20.89
CA ALA A 41 -14.62 -7.16 -20.06
C ALA A 41 -15.14 -7.71 -18.75
N ALA A 42 -14.64 -8.87 -18.33
CA ALA A 42 -15.07 -9.47 -17.07
C ALA A 42 -14.02 -9.22 -16.01
N LYS A 43 -14.38 -8.46 -14.99
CA LYS A 43 -13.46 -8.15 -13.90
C LYS A 43 -13.66 -9.12 -12.75
N PHE A 44 -12.74 -10.08 -12.62
CA PHE A 44 -12.81 -11.08 -11.57
C PHE A 44 -12.19 -10.52 -10.30
N ILE A 45 -13.04 -10.18 -9.33
CA ILE A 45 -12.54 -9.72 -8.03
C ILE A 45 -12.54 -10.86 -7.01
N LYS A 46 -11.35 -11.18 -6.50
CA LYS A 46 -11.19 -12.21 -5.49
C LYS A 46 -11.74 -11.72 -4.16
N LYS A 47 -12.70 -12.44 -3.60
CA LYS A 47 -13.31 -12.07 -2.33
C LYS A 47 -12.38 -12.39 -1.18
N ARG A 48 -12.37 -11.51 -0.18
N ARG A 48 -12.36 -11.51 -0.18
CA ARG A 48 -11.59 -11.69 1.03
CA ARG A 48 -11.55 -11.71 1.00
C ARG A 48 -12.21 -12.82 1.84
C ARG A 48 -12.20 -12.77 1.88
N GLN A 49 -11.36 -13.62 2.47
CA GLN A 49 -11.84 -14.79 3.23
C GLN A 49 -11.91 -14.52 4.73
N SER A 50 -11.03 -13.66 5.23
CA SER A 50 -11.04 -13.30 6.64
C SER A 50 -10.75 -11.82 6.80
N ARG A 51 -11.27 -11.21 7.85
CA ARG A 51 -11.20 -9.76 8.01
C ARG A 51 -9.75 -9.27 8.15
N ALA A 52 -8.80 -10.20 8.25
CA ALA A 52 -7.40 -9.84 8.50
C ALA A 52 -6.46 -10.03 7.31
N SER A 53 -6.91 -10.68 6.25
CA SER A 53 -6.04 -10.97 5.10
C SER A 53 -5.59 -9.70 4.41
N ARG A 54 -4.37 -9.71 3.87
CA ARG A 54 -3.97 -8.72 2.88
C ARG A 54 -4.31 -9.29 1.51
N ARG A 55 -5.26 -10.22 1.47
CA ARG A 55 -5.70 -10.82 0.21
C ARG A 55 -7.21 -10.71 0.03
N GLY A 56 -7.64 -10.46 -1.21
CA GLY A 56 -9.05 -10.38 -1.53
C GLY A 56 -9.67 -9.02 -1.25
N VAL A 57 -10.97 -8.92 -1.52
CA VAL A 57 -11.73 -7.69 -1.27
C VAL A 57 -12.97 -8.06 -0.48
N CYS A 58 -13.27 -7.33 0.60
CA CYS A 58 -14.41 -7.70 1.44
C CYS A 58 -15.73 -7.44 0.71
N ARG A 59 -16.80 -8.09 1.18
CA ARG A 59 -18.12 -8.02 0.55
C ARG A 59 -18.58 -6.58 0.36
N GLU A 60 -18.42 -5.79 1.41
CA GLU A 60 -18.94 -4.44 1.42
C GLU A 60 -18.30 -3.55 0.35
N GLU A 61 -17.00 -3.71 0.13
N GLU A 61 -17.00 -3.70 0.13
CA GLU A 61 -16.29 -2.85 -0.83
CA GLU A 61 -16.29 -2.87 -0.83
C GLU A 61 -16.59 -3.26 -2.27
C GLU A 61 -16.61 -3.26 -2.26
N ILE A 62 -16.74 -4.55 -2.52
CA ILE A 62 -17.15 -5.00 -3.83
C ILE A 62 -18.55 -4.45 -4.11
N GLU A 63 -19.43 -4.56 -3.12
CA GLU A 63 -20.80 -4.07 -3.27
C GLU A 63 -20.80 -2.59 -3.55
N ARG A 64 -19.93 -1.85 -2.88
CA ARG A 64 -19.87 -0.41 -3.08
C ARG A 64 -19.50 -0.07 -4.52
N GLU A 65 -18.51 -0.78 -5.07
CA GLU A 65 -18.08 -0.54 -6.44
C GLU A 65 -19.22 -0.83 -7.40
N VAL A 66 -19.90 -1.95 -7.22
CA VAL A 66 -21.04 -2.29 -8.06
C VAL A 66 -22.14 -1.24 -7.94
N SER A 67 -22.42 -0.81 -6.71
CA SER A 67 -23.49 0.14 -6.46
C SER A 67 -23.24 1.47 -7.19
N ILE A 68 -21.98 1.90 -7.20
CA ILE A 68 -21.61 3.13 -7.91
C ILE A 68 -21.68 2.91 -9.42
N LEU A 69 -21.13 1.80 -9.90
CA LEU A 69 -21.16 1.53 -11.34
C LEU A 69 -22.59 1.47 -11.88
N ARG A 70 -23.52 0.95 -11.09
N ARG A 70 -23.52 0.94 -11.09
CA ARG A 70 -24.91 0.82 -11.54
CA ARG A 70 -24.90 0.84 -11.54
C ARG A 70 -25.59 2.18 -11.72
C ARG A 70 -25.48 2.21 -11.85
N GLN A 71 -25.00 3.22 -11.14
CA GLN A 71 -25.55 4.57 -11.24
C GLN A 71 -25.05 5.35 -12.43
N VAL A 72 -23.93 4.94 -13.02
CA VAL A 72 -23.28 5.81 -13.98
C VAL A 72 -23.56 5.41 -15.41
N LEU A 73 -24.08 6.36 -16.19
CA LEU A 73 -24.26 6.18 -17.61
C LEU A 73 -23.81 7.46 -18.31
N HIS A 74 -22.59 7.45 -18.81
CA HIS A 74 -22.00 8.64 -19.42
C HIS A 74 -20.98 8.17 -20.46
N PRO A 75 -20.88 8.89 -21.58
CA PRO A 75 -20.01 8.48 -22.69
C PRO A 75 -18.56 8.27 -22.30
N ASN A 76 -18.09 8.98 -21.28
CA ASN A 76 -16.68 8.87 -20.87
C ASN A 76 -16.43 8.03 -19.62
N ILE A 77 -17.38 7.18 -19.28
CA ILE A 77 -17.25 6.27 -18.13
C ILE A 77 -17.72 4.89 -18.56
N ILE A 78 -17.02 3.84 -18.15
CA ILE A 78 -17.45 2.50 -18.51
C ILE A 78 -18.81 2.22 -17.90
N THR A 79 -19.60 1.40 -18.58
CA THR A 79 -20.91 1.03 -18.07
C THR A 79 -20.86 -0.38 -17.52
N LEU A 80 -21.67 -0.66 -16.50
CA LEU A 80 -21.77 -2.00 -15.95
C LEU A 80 -22.87 -2.76 -16.68
N HIS A 81 -22.57 -3.99 -17.10
CA HIS A 81 -23.55 -4.84 -17.77
C HIS A 81 -24.21 -5.87 -16.86
N ASP A 82 -23.41 -6.53 -16.03
CA ASP A 82 -23.93 -7.59 -15.16
C ASP A 82 -22.96 -7.94 -14.04
N VAL A 83 -23.42 -8.72 -13.09
CA VAL A 83 -22.58 -9.15 -11.98
C VAL A 83 -22.88 -10.61 -11.67
N TYR A 84 -21.83 -11.43 -11.64
CA TYR A 84 -21.95 -12.83 -11.30
C TYR A 84 -21.14 -13.08 -10.04
N GLU A 85 -21.37 -14.23 -9.41
CA GLU A 85 -20.65 -14.58 -8.20
C GLU A 85 -20.54 -16.09 -8.06
N ASN A 86 -19.35 -16.58 -7.74
CA ASN A 86 -19.15 -17.97 -7.35
C ASN A 86 -18.47 -18.00 -5.98
N ARG A 87 -17.86 -19.12 -5.59
CA ARG A 87 -17.34 -19.23 -4.23
C ARG A 87 -16.17 -18.29 -3.97
N THR A 88 -15.34 -18.06 -4.97
CA THR A 88 -14.09 -17.32 -4.75
C THR A 88 -14.11 -15.87 -5.24
N ASP A 89 -14.89 -15.59 -6.29
CA ASP A 89 -14.84 -14.31 -6.98
C ASP A 89 -16.22 -13.70 -7.18
N VAL A 90 -16.27 -12.37 -7.24
CA VAL A 90 -17.41 -11.68 -7.83
C VAL A 90 -16.94 -11.17 -9.19
N VAL A 91 -17.70 -11.42 -10.23
CA VAL A 91 -17.28 -11.06 -11.57
C VAL A 91 -18.13 -9.91 -12.13
N LEU A 92 -17.51 -8.77 -12.36
CA LEU A 92 -18.20 -7.64 -12.95
C LEU A 92 -18.11 -7.71 -14.47
N ILE A 93 -19.24 -7.76 -15.15
CA ILE A 93 -19.23 -7.71 -16.61
C ILE A 93 -19.34 -6.24 -17.01
N LEU A 94 -18.27 -5.71 -17.58
CA LEU A 94 -18.13 -4.27 -17.82
C LEU A 94 -18.05 -4.01 -19.32
N GLU A 95 -18.42 -2.80 -19.72
CA GLU A 95 -18.21 -2.37 -21.09
C GLU A 95 -16.75 -2.59 -21.46
N LEU A 96 -16.49 -3.20 -22.61
CA LEU A 96 -15.11 -3.43 -23.05
C LEU A 96 -14.46 -2.16 -23.60
N VAL A 97 -13.28 -1.84 -23.10
CA VAL A 97 -12.50 -0.71 -23.59
C VAL A 97 -11.26 -1.28 -24.27
N SER A 98 -11.19 -1.16 -25.59
CA SER A 98 -10.23 -1.94 -26.36
C SER A 98 -8.99 -1.17 -26.80
N GLY A 99 -8.97 0.13 -26.57
CA GLY A 99 -7.92 0.97 -27.13
C GLY A 99 -6.77 1.29 -26.20
N GLY A 100 -6.61 0.51 -25.14
CA GLY A 100 -5.50 0.71 -24.22
C GLY A 100 -5.57 2.05 -23.51
N GLU A 101 -4.41 2.51 -23.04
CA GLU A 101 -4.36 3.71 -22.19
C GLU A 101 -4.09 4.97 -23.03
N LEU A 102 -4.66 6.10 -22.58
CA LEU A 102 -4.50 7.35 -23.31
C LEU A 102 -3.03 7.69 -23.52
N PHE A 103 -2.24 7.59 -22.46
CA PHE A 103 -0.85 7.99 -22.53
C PHE A 103 -0.08 7.18 -23.57
N ASP A 104 -0.39 5.90 -23.69
CA ASP A 104 0.31 5.05 -24.64
C ASP A 104 0.03 5.51 -26.05
N PHE A 105 -1.20 5.98 -26.28
CA PHE A 105 -1.60 6.52 -27.58
C PHE A 105 -0.90 7.84 -27.87
N LEU A 106 -0.88 8.74 -26.88
CA LEU A 106 -0.21 10.03 -27.04
C LEU A 106 1.29 9.82 -27.25
N ALA A 107 1.84 8.75 -26.71
CA ALA A 107 3.29 8.50 -26.75
C ALA A 107 3.73 8.02 -28.13
N GLN A 108 2.76 7.68 -28.97
CA GLN A 108 3.03 7.23 -30.33
C GLN A 108 2.76 8.37 -31.31
N LYS A 109 2.38 9.52 -30.75
CA LYS A 109 2.05 10.66 -31.59
C LYS A 109 3.27 11.37 -32.13
N GLU A 110 3.10 11.96 -33.31
CA GLU A 110 4.16 12.70 -33.98
C GLU A 110 4.21 14.11 -33.40
N SER A 111 3.03 14.68 -33.23
CA SER A 111 2.89 16.08 -32.80
C SER A 111 1.59 16.24 -32.03
N LEU A 112 1.55 17.20 -31.10
CA LEU A 112 0.38 17.37 -30.25
C LEU A 112 0.35 18.80 -29.73
N SER A 113 -0.68 19.55 -30.13
CA SER A 113 -0.82 20.93 -29.68
C SER A 113 -1.61 20.99 -28.38
N GLU A 114 -1.64 22.13 -27.72
CA GLU A 114 -2.42 22.22 -26.49
C GLU A 114 -3.88 22.19 -26.80
N GLU A 115 -4.25 22.59 -28.01
CA GLU A 115 -5.65 22.50 -28.42
C GLU A 115 -6.11 21.04 -28.44
N GLU A 116 -5.32 20.17 -29.06
CA GLU A 116 -5.62 18.74 -29.10
C GLU A 116 -5.58 18.15 -27.69
N ALA A 117 -4.57 18.56 -26.92
CA ALA A 117 -4.42 18.07 -25.56
C ALA A 117 -5.64 18.41 -24.72
N THR A 118 -6.11 19.66 -24.82
CA THR A 118 -7.25 20.07 -23.99
C THR A 118 -8.51 19.35 -24.40
N SER A 119 -8.60 18.88 -25.66
CA SER A 119 -9.82 18.19 -26.06
C SER A 119 -9.85 16.81 -25.39
N PHE A 120 -8.68 16.20 -25.19
CA PHE A 120 -8.63 14.95 -24.42
C PHE A 120 -8.92 15.22 -22.95
N ILE A 121 -8.30 16.25 -22.40
CA ILE A 121 -8.52 16.57 -21.00
C ILE A 121 -9.99 16.90 -20.75
N LYS A 122 -10.63 17.54 -21.73
CA LYS A 122 -12.03 17.90 -21.56
C LYS A 122 -12.92 16.66 -21.49
N GLN A 123 -12.55 15.61 -22.22
CA GLN A 123 -13.28 14.35 -22.13
C GLN A 123 -13.21 13.82 -20.70
N ILE A 124 -12.03 13.89 -20.10
CA ILE A 124 -11.85 13.45 -18.73
C ILE A 124 -12.72 14.31 -17.82
N LEU A 125 -12.65 15.62 -18.01
CA LEU A 125 -13.42 16.54 -17.16
C LEU A 125 -14.92 16.26 -17.28
N ASP A 126 -15.38 15.88 -18.47
CA ASP A 126 -16.81 15.65 -18.66
C ASP A 126 -17.22 14.44 -17.84
N GLY A 127 -16.39 13.40 -17.88
CA GLY A 127 -16.66 12.21 -17.11
C GLY A 127 -16.66 12.52 -15.62
N VAL A 128 -15.64 13.23 -15.17
CA VAL A 128 -15.52 13.56 -13.75
C VAL A 128 -16.66 14.47 -13.33
N ASN A 129 -17.06 15.39 -14.21
CA ASN A 129 -18.15 16.31 -13.90
C ASN A 129 -19.43 15.52 -13.63
N TYR A 130 -19.65 14.50 -14.44
CA TYR A 130 -20.82 13.65 -14.31
C TYR A 130 -20.81 12.94 -12.96
N LEU A 131 -19.67 12.40 -12.58
CA LEU A 131 -19.57 11.72 -11.29
C LEU A 131 -19.81 12.69 -10.15
N HIS A 132 -19.14 13.84 -10.19
CA HIS A 132 -19.19 14.78 -9.08
C HIS A 132 -20.59 15.36 -8.91
N THR A 133 -21.30 15.49 -10.01
CA THR A 133 -22.68 15.95 -9.95
C THR A 133 -23.51 14.96 -9.13
N LYS A 134 -23.23 13.68 -9.27
CA LYS A 134 -23.87 12.65 -8.45
C LYS A 134 -23.17 12.45 -7.10
N LYS A 135 -22.28 13.37 -6.74
CA LYS A 135 -21.52 13.30 -5.49
C LYS A 135 -20.64 12.07 -5.37
N ILE A 136 -20.21 11.54 -6.51
CA ILE A 136 -19.31 10.40 -6.52
C ILE A 136 -17.89 10.90 -6.78
N ALA A 137 -16.98 10.60 -5.84
CA ALA A 137 -15.55 10.80 -6.03
C ALA A 137 -14.93 9.54 -6.60
N HIS A 138 -14.09 9.67 -7.64
CA HIS A 138 -13.44 8.51 -8.23
C HIS A 138 -12.31 8.01 -7.32
N PHE A 139 -11.46 8.93 -6.87
CA PHE A 139 -10.40 8.65 -5.90
C PHE A 139 -9.24 7.80 -6.44
N ASP A 140 -9.24 7.53 -7.74
CA ASP A 140 -8.09 6.84 -8.33
C ASP A 140 -7.84 7.32 -9.76
N LEU A 141 -7.95 8.63 -9.97
CA LEU A 141 -7.66 9.20 -11.27
C LEU A 141 -6.16 9.22 -11.51
N LYS A 142 -5.74 8.49 -12.53
CA LYS A 142 -4.33 8.40 -12.89
C LYS A 142 -4.26 7.79 -14.29
N PRO A 143 -3.11 7.90 -14.97
CA PRO A 143 -3.08 7.52 -16.38
C PRO A 143 -3.62 6.12 -16.67
N GLU A 144 -3.28 5.11 -15.88
CA GLU A 144 -3.69 3.75 -16.22
C GLU A 144 -5.20 3.56 -16.18
N ASN A 145 -5.91 4.46 -15.50
CA ASN A 145 -7.37 4.37 -15.43
C ASN A 145 -8.08 5.28 -16.43
N ILE A 146 -7.31 5.86 -17.33
CA ILE A 146 -7.84 6.70 -18.39
C ILE A 146 -7.57 5.98 -19.70
N MET A 147 -8.59 5.30 -20.21
CA MET A 147 -8.39 4.45 -21.38
C MET A 147 -9.13 4.98 -22.60
N LEU A 148 -8.97 4.30 -23.72
CA LEU A 148 -9.55 4.71 -24.99
C LEU A 148 -10.41 3.57 -25.52
N LEU A 149 -11.63 3.89 -25.95
CA LEU A 149 -12.51 2.89 -26.55
C LEU A 149 -11.86 2.20 -27.75
N ASP A 150 -11.21 2.98 -28.60
CA ASP A 150 -10.68 2.53 -29.87
C ASP A 150 -9.53 3.44 -30.28
N LYS A 151 -8.30 2.92 -30.22
CA LYS A 151 -7.11 3.74 -30.47
C LYS A 151 -6.82 3.93 -31.96
N ASN A 152 -7.67 3.37 -32.82
CA ASN A 152 -7.42 3.38 -34.26
C ASN A 152 -8.19 4.46 -35.02
N ILE A 153 -8.98 5.26 -34.32
CA ILE A 153 -9.63 6.39 -34.97
C ILE A 153 -8.78 7.63 -34.72
N PRO A 154 -8.98 8.68 -35.53
CA PRO A 154 -8.11 9.85 -35.49
C PRO A 154 -8.07 10.54 -34.12
N ILE A 155 -9.23 10.64 -33.48
CA ILE A 155 -9.33 11.28 -32.17
C ILE A 155 -10.10 10.34 -31.24
N PRO A 156 -9.39 9.49 -30.50
CA PRO A 156 -10.03 8.45 -29.69
C PRO A 156 -10.88 8.98 -28.55
N HIS A 157 -11.87 8.17 -28.14
N HIS A 157 -11.77 8.12 -28.07
CA HIS A 157 -12.79 8.55 -27.09
CA HIS A 157 -12.81 8.45 -27.11
C HIS A 157 -12.31 7.96 -25.79
C HIS A 157 -12.40 7.91 -25.74
N ILE A 158 -12.27 8.79 -24.76
CA ILE A 158 -11.79 8.39 -23.43
C ILE A 158 -12.88 7.73 -22.57
N LYS A 159 -12.49 6.66 -21.89
CA LYS A 159 -13.34 5.98 -20.91
C LYS A 159 -12.56 5.89 -19.60
N LEU A 160 -13.12 6.42 -18.53
CA LEU A 160 -12.54 6.26 -17.20
C LEU A 160 -12.93 4.88 -16.68
N ILE A 161 -11.98 4.17 -16.08
CA ILE A 161 -12.27 2.85 -15.55
C ILE A 161 -11.90 2.77 -14.07
N ASP A 162 -12.04 1.56 -13.52
CA ASP A 162 -11.56 1.22 -12.17
C ASP A 162 -12.18 2.03 -11.06
N PHE A 163 -13.36 1.60 -10.62
CA PHE A 163 -14.07 2.28 -9.54
C PHE A 163 -13.88 1.61 -8.19
N GLY A 164 -12.72 0.96 -8.00
CA GLY A 164 -12.46 0.24 -6.75
C GLY A 164 -12.29 1.13 -5.53
N LEU A 165 -11.92 2.39 -5.75
CA LEU A 165 -11.71 3.36 -4.65
C LEU A 165 -12.80 4.42 -4.64
N ALA A 166 -13.69 4.38 -5.64
CA ALA A 166 -14.74 5.37 -5.75
C ALA A 166 -15.63 5.37 -4.51
N HIS A 167 -16.14 6.55 -4.15
CA HIS A 167 -16.93 6.68 -2.96
C HIS A 167 -17.97 7.79 -3.10
N GLU A 168 -19.19 7.54 -2.62
CA GLU A 168 -20.21 8.57 -2.61
C GLU A 168 -19.98 9.46 -1.40
N ILE A 169 -19.81 10.75 -1.66
CA ILE A 169 -19.53 11.72 -0.62
C ILE A 169 -20.86 12.22 -0.01
N GLU A 170 -21.08 11.94 1.26
CA GLU A 170 -22.31 12.37 1.96
C GLU A 170 -22.09 13.64 2.76
N ASP A 171 -22.99 14.60 2.62
CA ASP A 171 -22.92 15.83 3.40
C ASP A 171 -22.89 15.50 4.88
N GLY A 172 -22.01 16.17 5.62
CA GLY A 172 -21.93 16.03 7.06
C GLY A 172 -21.29 14.73 7.53
N VAL A 173 -21.07 13.79 6.62
CA VAL A 173 -20.44 12.53 6.98
C VAL A 173 -18.97 12.53 6.55
N GLU A 174 -18.07 12.43 7.52
CA GLU A 174 -16.65 12.49 7.25
C GLU A 174 -16.16 11.18 6.64
N PHE A 175 -15.36 11.29 5.59
CA PHE A 175 -14.73 10.13 4.99
C PHE A 175 -13.23 10.31 4.98
N LYS A 176 -12.52 9.42 5.66
CA LYS A 176 -11.06 9.43 5.60
C LYS A 176 -10.60 8.00 5.31
N ASN A 177 -9.58 7.87 4.49
CA ASN A 177 -8.96 6.58 4.24
C ASN A 177 -7.59 6.80 3.64
N ILE A 178 -6.77 5.76 3.65
CA ILE A 178 -5.44 5.82 3.09
C ILE A 178 -5.41 4.93 1.87
N PHE A 179 -5.20 5.51 0.69
CA PHE A 179 -5.22 4.75 -0.54
C PHE A 179 -4.54 5.52 -1.67
N GLY A 180 -4.54 4.94 -2.85
CA GLY A 180 -4.12 5.65 -4.05
C GLY A 180 -2.63 5.56 -4.30
N THR A 181 -2.21 6.02 -5.47
CA THR A 181 -0.82 5.99 -5.89
C THR A 181 -0.11 7.29 -5.50
N PRO A 182 1.00 7.17 -4.73
CA PRO A 182 1.62 8.38 -4.17
C PRO A 182 1.74 9.54 -5.17
N GLU A 183 2.21 9.27 -6.38
CA GLU A 183 2.45 10.32 -7.37
C GLU A 183 1.21 11.21 -7.61
N PHE A 184 0.03 10.64 -7.42
CA PHE A 184 -1.22 11.29 -7.82
C PHE A 184 -2.17 11.68 -6.68
N VAL A 185 -1.85 11.35 -5.44
CA VAL A 185 -2.79 11.65 -4.37
C VAL A 185 -2.62 13.07 -3.85
N ALA A 186 -3.72 13.65 -3.44
CA ALA A 186 -3.76 15.00 -2.91
C ALA A 186 -3.22 15.06 -1.48
N PRO A 187 -2.85 16.27 -1.02
CA PRO A 187 -2.34 16.42 0.34
C PRO A 187 -3.29 15.88 1.41
N GLU A 188 -4.60 16.02 1.22
CA GLU A 188 -5.55 15.58 2.25
C GLU A 188 -5.53 14.05 2.39
N ILE A 189 -5.19 13.35 1.31
CA ILE A 189 -5.02 11.89 1.42
C ILE A 189 -3.75 11.58 2.22
N VAL A 190 -2.64 12.21 1.85
CA VAL A 190 -1.38 11.96 2.56
C VAL A 190 -1.52 12.29 4.05
N ASN A 191 -2.21 13.39 4.36
CA ASN A 191 -2.30 13.88 5.73
C ASN A 191 -3.44 13.23 6.51
N TYR A 192 -4.16 12.32 5.87
CA TYR A 192 -5.28 11.67 6.53
C TYR A 192 -6.20 12.74 7.11
N GLU A 193 -6.73 13.58 6.23
CA GLU A 193 -7.69 14.62 6.58
C GLU A 193 -8.98 14.36 5.78
N PRO A 194 -10.06 15.08 6.10
CA PRO A 194 -11.33 14.77 5.43
C PRO A 194 -11.21 14.83 3.90
N LEU A 195 -11.89 13.90 3.25
CA LEU A 195 -11.80 13.76 1.81
C LEU A 195 -13.14 14.10 1.18
N GLY A 196 -13.10 14.48 -0.09
CA GLY A 196 -14.30 14.82 -0.82
C GLY A 196 -14.02 14.79 -2.31
N LEU A 197 -14.79 15.58 -3.06
CA LEU A 197 -14.61 15.62 -4.50
C LEU A 197 -13.34 16.35 -4.91
N GLU A 198 -12.75 17.12 -3.99
CA GLU A 198 -11.59 17.95 -4.34
C GLU A 198 -10.36 17.11 -4.68
N ALA A 199 -10.21 15.95 -4.05
CA ALA A 199 -9.05 15.10 -4.32
C ALA A 199 -8.95 14.76 -5.80
N ASP A 200 -10.10 14.48 -6.42
CA ASP A 200 -10.13 14.19 -7.85
C ASP A 200 -9.53 15.35 -8.63
N MET A 201 -9.81 16.57 -8.18
CA MET A 201 -9.38 17.75 -8.91
C MET A 201 -7.86 17.95 -8.85
N TRP A 202 -7.26 17.61 -7.71
CA TRP A 202 -5.82 17.63 -7.59
C TRP A 202 -5.19 16.64 -8.57
N SER A 203 -5.74 15.42 -8.59
CA SER A 203 -5.24 14.38 -9.49
C SER A 203 -5.27 14.83 -10.95
N ILE A 204 -6.34 15.52 -11.33
CA ILE A 204 -6.45 16.06 -12.68
C ILE A 204 -5.32 17.05 -12.96
N GLY A 205 -4.99 17.87 -11.96
CA GLY A 205 -3.86 18.77 -12.05
C GLY A 205 -2.55 18.03 -12.31
N VAL A 206 -2.31 16.93 -11.60
CA VAL A 206 -1.09 16.16 -11.80
C VAL A 206 -1.08 15.52 -13.19
N ILE A 207 -2.21 14.95 -13.59
CA ILE A 207 -2.30 14.28 -14.88
C ILE A 207 -2.04 15.29 -15.99
N THR A 208 -2.58 16.49 -15.85
CA THR A 208 -2.41 17.55 -16.85
C THR A 208 -0.95 17.97 -16.94
N TYR A 209 -0.33 18.16 -15.78
CA TYR A 209 1.07 18.53 -15.70
C TYR A 209 1.96 17.54 -16.46
N ILE A 210 1.72 16.25 -16.25
CA ILE A 210 2.50 15.21 -16.92
C ILE A 210 2.17 15.16 -18.41
N LEU A 211 0.91 15.33 -18.75
CA LEU A 211 0.50 15.23 -20.16
C LEU A 211 1.22 16.28 -20.98
N LEU A 212 1.34 17.50 -20.45
CA LEU A 212 1.92 18.61 -21.18
C LEU A 212 3.46 18.59 -21.23
N SER A 213 4.09 18.07 -20.18
CA SER A 213 5.54 18.25 -20.00
C SER A 213 6.32 16.97 -19.98
N GLY A 214 5.65 15.85 -19.69
CA GLY A 214 6.34 14.59 -19.50
C GLY A 214 6.90 14.45 -18.09
N ALA A 215 7.08 15.57 -17.39
CA ALA A 215 7.56 15.56 -16.01
C ALA A 215 6.40 15.40 -15.01
N SER A 216 6.74 15.07 -13.76
CA SER A 216 5.74 14.87 -12.72
C SER A 216 5.99 15.88 -11.60
N PRO A 217 4.94 16.56 -11.16
CA PRO A 217 5.11 17.72 -10.29
C PRO A 217 5.77 17.38 -8.94
N PHE A 218 5.38 16.26 -8.33
CA PHE A 218 5.80 15.97 -6.95
C PHE A 218 6.67 14.72 -6.82
N LEU A 219 6.80 13.96 -7.91
CA LEU A 219 7.56 12.72 -7.89
C LEU A 219 9.00 12.95 -7.41
N GLY A 220 9.38 12.30 -6.30
CA GLY A 220 10.74 12.37 -5.81
C GLY A 220 11.50 11.08 -6.09
N ASP A 221 12.71 10.97 -5.56
CA ASP A 221 13.54 9.78 -5.78
C ASP A 221 13.01 8.58 -5.00
N THR A 222 12.22 8.85 -3.97
CA THR A 222 11.62 7.81 -3.14
C THR A 222 10.21 8.23 -2.78
N LYS A 223 9.39 7.26 -2.37
CA LYS A 223 8.03 7.57 -1.95
C LYS A 223 8.03 8.61 -0.82
N GLN A 224 8.98 8.47 0.11
CA GLN A 224 9.06 9.41 1.22
C GLN A 224 9.15 10.84 0.71
N GLU A 225 10.01 11.06 -0.30
CA GLU A 225 10.18 12.39 -0.89
C GLU A 225 8.92 12.87 -1.60
N THR A 226 8.29 11.98 -2.35
CA THR A 226 7.08 12.32 -3.09
C THR A 226 6.01 12.84 -2.16
N LEU A 227 5.78 12.12 -1.07
CA LEU A 227 4.77 12.47 -0.09
C LEU A 227 5.10 13.79 0.59
N ALA A 228 6.38 14.03 0.83
CA ALA A 228 6.84 15.29 1.41
C ALA A 228 6.57 16.42 0.42
N ASN A 229 6.88 16.19 -0.84
CA ASN A 229 6.67 17.20 -1.88
C ASN A 229 5.18 17.54 -2.01
N ILE A 230 4.35 16.52 -1.97
CA ILE A 230 2.90 16.72 -2.08
C ILE A 230 2.38 17.60 -0.94
N THR A 231 2.70 17.25 0.29
CA THR A 231 2.17 17.98 1.43
C THR A 231 2.77 19.40 1.51
N ALA A 232 3.95 19.60 0.94
CA ALA A 232 4.54 20.94 0.86
C ALA A 232 4.09 21.66 -0.40
N VAL A 233 3.32 20.98 -1.25
CA VAL A 233 2.96 21.49 -2.57
C VAL A 233 4.20 22.09 -3.22
N SER A 234 5.26 21.30 -3.25
CA SER A 234 6.54 21.76 -3.76
C SER A 234 6.66 21.26 -5.19
N TYR A 235 6.44 22.16 -6.15
CA TYR A 235 6.63 21.82 -7.55
C TYR A 235 7.01 23.10 -8.30
N ASP A 236 7.50 22.95 -9.52
CA ASP A 236 7.88 24.09 -10.34
C ASP A 236 7.47 23.83 -11.78
N PHE A 237 7.59 24.86 -12.62
CA PHE A 237 7.40 24.68 -14.05
C PHE A 237 8.77 24.84 -14.67
N ASP A 238 9.60 23.82 -14.52
CA ASP A 238 10.98 23.86 -14.99
C ASP A 238 11.01 24.18 -16.48
N GLU A 239 11.72 25.24 -16.87
CA GLU A 239 11.72 25.68 -18.26
C GLU A 239 12.28 24.63 -19.20
N GLU A 240 13.03 23.66 -18.65
CA GLU A 240 13.53 22.62 -19.51
C GLU A 240 12.36 21.92 -20.22
N PHE A 241 11.22 21.83 -19.55
CA PHE A 241 10.07 21.06 -20.02
C PHE A 241 8.84 21.91 -20.34
N PHE A 242 8.75 23.09 -19.74
CA PHE A 242 7.56 23.92 -19.87
C PHE A 242 7.77 25.17 -20.71
N SER A 243 8.89 25.24 -21.43
CA SER A 243 9.21 26.46 -22.21
C SER A 243 8.30 26.70 -23.41
N GLN A 244 7.46 25.73 -23.75
CA GLN A 244 6.53 25.87 -24.87
C GLN A 244 5.08 25.77 -24.41
N THR A 245 4.88 25.77 -23.10
CA THR A 245 3.57 25.62 -22.51
C THR A 245 2.97 26.99 -22.19
N SER A 246 1.69 27.15 -22.47
CA SER A 246 1.04 28.45 -22.37
C SER A 246 0.84 28.86 -20.93
N GLU A 247 0.73 30.16 -20.67
N GLU A 247 0.74 30.16 -20.68
CA GLU A 247 0.42 30.64 -19.33
CA GLU A 247 0.42 30.64 -19.34
C GLU A 247 -0.99 30.22 -18.94
C GLU A 247 -0.98 30.18 -18.96
N LEU A 248 -1.86 30.04 -19.95
CA LEU A 248 -3.21 29.54 -19.70
C LEU A 248 -3.14 28.16 -19.08
N ALA A 249 -2.30 27.30 -19.64
CA ALA A 249 -2.21 25.93 -19.17
C ALA A 249 -1.62 25.93 -17.77
N LYS A 250 -0.59 26.74 -17.56
CA LYS A 250 0.05 26.77 -16.26
C LYS A 250 -0.92 27.31 -15.19
N ASP A 251 -1.79 28.21 -15.60
CA ASP A 251 -2.73 28.80 -14.67
C ASP A 251 -3.73 27.72 -14.25
N PHE A 252 -4.17 26.92 -15.22
CA PHE A 252 -5.09 25.83 -14.97
C PHE A 252 -4.49 24.90 -13.91
N ILE A 253 -3.25 24.47 -14.16
CA ILE A 253 -2.57 23.56 -13.23
C ILE A 253 -2.38 24.21 -11.85
N ARG A 254 -1.98 25.48 -11.81
CA ARG A 254 -1.73 26.17 -10.54
C ARG A 254 -2.98 26.18 -9.68
N LYS A 255 -4.13 26.28 -10.33
CA LYS A 255 -5.41 26.41 -9.62
C LYS A 255 -5.94 25.06 -9.14
N LEU A 256 -5.36 23.97 -9.64
CA LEU A 256 -5.73 22.64 -9.22
C LEU A 256 -4.80 22.13 -8.12
N LEU A 257 -3.52 22.44 -8.24
CA LEU A 257 -2.51 21.95 -7.30
C LEU A 257 -2.43 22.89 -6.10
N VAL A 258 -3.51 22.91 -5.32
N VAL A 258 -3.52 22.99 -5.34
CA VAL A 258 -3.67 23.80 -4.18
CA VAL A 258 -3.50 23.83 -4.15
C VAL A 258 -3.98 22.95 -2.94
C VAL A 258 -3.95 22.99 -2.96
N LYS A 259 -3.24 23.16 -1.85
CA LYS A 259 -3.50 22.35 -0.67
C LYS A 259 -4.89 22.60 -0.07
N GLU A 260 -5.28 23.86 0.08
CA GLU A 260 -6.56 24.18 0.71
C GLU A 260 -7.70 23.71 -0.18
N THR A 261 -8.45 22.71 0.29
CA THR A 261 -9.48 22.09 -0.54
C THR A 261 -10.53 23.09 -1.00
N ARG A 262 -10.86 24.05 -0.15
CA ARG A 262 -11.89 25.03 -0.47
C ARG A 262 -11.43 26.02 -1.54
N LYS A 263 -10.12 26.10 -1.77
CA LYS A 263 -9.60 27.06 -2.75
C LYS A 263 -9.33 26.40 -4.10
N ARG A 264 -9.26 25.07 -4.11
CA ARG A 264 -9.00 24.32 -5.33
C ARG A 264 -10.16 24.46 -6.34
N LEU A 265 -9.85 24.48 -7.63
CA LEU A 265 -10.92 24.59 -8.63
C LEU A 265 -11.88 23.41 -8.47
N THR A 266 -13.18 23.65 -8.59
CA THR A 266 -14.13 22.53 -8.66
C THR A 266 -14.15 22.05 -10.11
N ILE A 267 -14.81 20.93 -10.35
CA ILE A 267 -14.87 20.37 -11.70
C ILE A 267 -15.60 21.34 -12.62
N GLN A 268 -16.66 21.98 -12.12
CA GLN A 268 -17.39 22.96 -12.93
C GLN A 268 -16.46 24.13 -13.30
N GLU A 269 -15.69 24.61 -12.35
CA GLU A 269 -14.79 25.73 -12.62
C GLU A 269 -13.68 25.31 -13.58
N ALA A 270 -13.24 24.07 -13.48
CA ALA A 270 -12.21 23.59 -14.40
C ALA A 270 -12.75 23.55 -15.84
N LEU A 271 -13.99 23.11 -16.00
CA LEU A 271 -14.59 23.07 -17.34
C LEU A 271 -14.74 24.47 -17.94
N ARG A 272 -14.85 25.47 -17.07
CA ARG A 272 -15.04 26.85 -17.52
C ARG A 272 -13.75 27.68 -17.45
N HIS A 273 -12.64 27.04 -17.13
CA HIS A 273 -11.36 27.71 -17.16
C HIS A 273 -11.03 28.01 -18.63
N PRO A 274 -10.47 29.19 -18.91
CA PRO A 274 -10.31 29.58 -20.32
C PRO A 274 -9.33 28.70 -21.11
N TRP A 275 -8.40 28.01 -20.44
CA TRP A 275 -7.56 27.06 -21.16
C TRP A 275 -8.38 25.91 -21.73
N ILE A 276 -9.44 25.50 -21.02
CA ILE A 276 -10.30 24.43 -21.48
C ILE A 276 -11.43 24.96 -22.40
N THR A 277 -11.99 26.09 -22.02
CA THR A 277 -13.07 26.70 -22.77
C THR A 277 -12.77 28.17 -22.96
N PRO A 278 -12.02 28.49 -24.04
CA PRO A 278 -11.63 29.88 -24.30
C PRO A 278 -12.84 30.80 -24.43
N VAL A 279 -12.73 32.02 -23.90
CA VAL A 279 -13.84 32.97 -23.93
C VAL A 279 -13.70 33.91 -25.13
N ASP A 280 -12.55 33.87 -25.80
CA ASP A 280 -12.38 34.68 -27.01
C ASP A 280 -11.40 34.06 -28.01
N THR A 281 -11.45 34.56 -29.24
CA THR A 281 -10.61 34.07 -30.32
C THR A 281 -9.12 34.09 -29.98
N GLN A 282 -8.70 35.10 -29.24
CA GLN A 282 -7.29 35.27 -28.93
C GLN A 282 -6.75 34.12 -28.08
N GLN A 283 -7.48 33.73 -27.06
CA GLN A 283 -7.06 32.62 -26.21
C GLN A 283 -7.00 31.34 -27.03
N ALA A 284 -7.95 31.17 -27.95
CA ALA A 284 -7.98 29.98 -28.79
C ALA A 284 -6.70 29.86 -29.64
N MET A 285 -6.19 30.99 -30.12
CA MET A 285 -4.98 30.99 -30.95
C MET A 285 -3.76 30.61 -30.11
N VAL A 286 -3.64 31.22 -28.93
CA VAL A 286 -2.54 30.92 -28.04
C VAL A 286 -2.45 29.42 -27.78
N ARG A 287 -3.59 28.80 -27.53
CA ARG A 287 -3.66 27.38 -27.25
C ARG A 287 -3.17 26.58 -28.46
N ARG A 288 -3.60 27.03 -29.63
CA ARG A 288 -3.27 26.43 -30.91
C ARG A 288 -1.77 26.53 -31.22
N GLU A 289 -1.10 27.54 -30.66
CA GLU A 289 0.32 27.80 -30.92
C GLU A 289 1.24 27.26 -29.83
N SER A 290 0.67 26.54 -28.88
CA SER A 290 1.45 25.98 -27.79
C SER A 290 1.51 24.48 -27.98
N VAL A 291 2.62 23.86 -27.58
CA VAL A 291 2.87 22.48 -27.91
C VAL A 291 3.21 21.63 -26.71
N VAL A 292 2.71 20.40 -26.75
CA VAL A 292 3.03 19.41 -25.74
C VAL A 292 4.46 18.96 -25.98
N ASN A 293 5.17 18.76 -24.89
CA ASN A 293 6.55 18.30 -24.94
C ASN A 293 6.56 16.80 -25.18
N LEU A 294 6.30 16.39 -26.42
CA LEU A 294 6.19 14.95 -26.70
C LEU A 294 7.54 14.27 -26.51
N GLU A 295 8.62 15.00 -26.71
CA GLU A 295 9.94 14.43 -26.51
C GLU A 295 10.10 13.90 -25.09
N ASN A 296 9.83 14.75 -24.09
CA ASN A 296 10.02 14.33 -22.71
C ASN A 296 8.95 13.33 -22.31
N PHE A 297 7.73 13.54 -22.81
CA PHE A 297 6.63 12.67 -22.50
C PHE A 297 6.97 11.24 -22.89
N LYS A 298 7.45 11.05 -24.11
CA LYS A 298 7.81 9.72 -24.60
C LYS A 298 8.94 9.13 -23.76
N LYS A 299 9.96 9.94 -23.49
CA LYS A 299 11.07 9.50 -22.65
C LYS A 299 10.54 8.91 -21.36
N GLN A 300 9.61 9.61 -20.73
CA GLN A 300 9.16 9.22 -19.40
C GLN A 300 8.15 8.07 -19.46
N TYR A 301 7.46 7.93 -20.58
CA TYR A 301 6.44 6.89 -20.69
C TYR A 301 6.85 5.78 -21.65
N VAL A 302 8.13 5.40 -21.52
CA VAL A 302 8.62 4.13 -22.03
C VAL A 302 9.64 3.55 -21.05
N THR B 4 29.49 -1.71 0.05
CA THR B 4 29.26 -1.84 -1.39
C THR B 4 28.90 -3.28 -1.73
N PHE B 5 28.11 -3.45 -2.79
CA PHE B 5 27.63 -4.76 -3.20
C PHE B 5 28.63 -5.44 -4.14
N LYS B 6 28.84 -6.73 -3.96
CA LYS B 6 29.74 -7.48 -4.84
C LYS B 6 29.13 -7.59 -6.23
N GLN B 7 29.86 -7.09 -7.23
CA GLN B 7 29.39 -7.16 -8.62
C GLN B 7 29.79 -8.49 -9.25
N GLN B 8 29.42 -9.58 -8.59
CA GLN B 8 29.68 -10.92 -9.09
C GLN B 8 28.39 -11.71 -9.12
N LYS B 9 28.35 -12.75 -9.96
CA LYS B 9 27.20 -13.62 -10.04
C LYS B 9 27.13 -14.45 -8.78
N VAL B 10 26.02 -14.38 -8.07
CA VAL B 10 25.88 -15.11 -6.82
C VAL B 10 26.00 -16.62 -7.08
N GLU B 11 25.53 -17.09 -8.23
N GLU B 11 25.53 -17.06 -8.24
CA GLU B 11 25.55 -18.53 -8.51
CA GLU B 11 25.56 -18.47 -8.60
C GLU B 11 26.96 -19.08 -8.80
C GLU B 11 26.97 -19.04 -8.58
N ASP B 12 27.94 -18.21 -8.94
CA ASP B 12 29.34 -18.67 -9.02
C ASP B 12 29.83 -19.08 -7.63
N PHE B 13 29.20 -18.52 -6.61
CA PHE B 13 29.68 -18.69 -5.24
C PHE B 13 28.74 -19.52 -4.36
N TYR B 14 27.50 -19.67 -4.80
CA TYR B 14 26.48 -20.39 -4.04
C TYR B 14 25.74 -21.35 -4.93
N ASP B 15 25.41 -22.53 -4.40
CA ASP B 15 24.39 -23.36 -5.04
C ASP B 15 23.01 -22.86 -4.62
N ILE B 16 22.22 -22.43 -5.59
CA ILE B 16 20.89 -21.91 -5.30
C ILE B 16 19.87 -23.06 -5.29
N GLY B 17 19.15 -23.17 -4.18
CA GLY B 17 18.21 -24.25 -3.97
C GLY B 17 16.76 -23.82 -4.09
N GLU B 18 15.90 -24.47 -3.32
CA GLU B 18 14.45 -24.29 -3.43
C GLU B 18 13.99 -22.91 -2.96
N GLU B 19 12.85 -22.44 -3.46
CA GLU B 19 12.27 -21.23 -2.93
C GLU B 19 11.71 -21.47 -1.54
N LEU B 20 12.02 -20.56 -0.62
CA LEU B 20 11.60 -20.67 0.78
C LEU B 20 10.39 -19.79 1.07
N GLY B 21 10.30 -18.68 0.36
CA GLY B 21 9.19 -17.77 0.57
C GLY B 21 9.31 -16.59 -0.36
N SER B 22 8.37 -15.67 -0.27
CA SER B 22 8.40 -14.50 -1.12
C SER B 22 7.64 -13.38 -0.46
N GLY B 23 7.86 -12.16 -0.97
CA GLY B 23 7.09 -11.01 -0.56
C GLY B 23 6.95 -10.10 -1.76
N GLN B 24 6.27 -8.97 -1.57
CA GLN B 24 6.31 -7.92 -2.58
C GLN B 24 7.79 -7.60 -2.76
N PHE B 25 8.27 -7.61 -4.00
CA PHE B 25 9.63 -7.16 -4.29
C PHE B 25 10.71 -8.24 -4.20
N ALA B 26 10.45 -9.31 -3.45
CA ALA B 26 11.53 -10.24 -3.09
C ALA B 26 11.18 -11.73 -3.21
N ILE B 27 12.17 -12.50 -3.60
CA ILE B 27 12.07 -13.95 -3.62
C ILE B 27 13.24 -14.52 -2.82
N VAL B 28 12.94 -15.40 -1.87
CA VAL B 28 13.97 -15.95 -1.00
C VAL B 28 14.19 -17.40 -1.35
N LYS B 29 15.44 -17.79 -1.62
CA LYS B 29 15.76 -19.17 -1.94
C LYS B 29 16.82 -19.68 -0.97
N LYS B 30 16.74 -20.94 -0.59
CA LYS B 30 17.80 -21.56 0.21
C LYS B 30 19.06 -21.61 -0.66
N CYS B 31 20.23 -21.54 -0.04
CA CYS B 31 21.47 -21.63 -0.79
C CYS B 31 22.59 -22.16 0.08
N ARG B 32 23.67 -22.60 -0.55
CA ARG B 32 24.81 -23.14 0.17
C ARG B 32 26.05 -22.53 -0.45
N GLU B 33 26.88 -21.91 0.37
CA GLU B 33 28.10 -21.29 -0.14
C GLU B 33 29.06 -22.41 -0.51
N LYS B 34 29.56 -22.39 -1.74
CA LYS B 34 30.36 -23.50 -2.26
C LYS B 34 31.65 -23.69 -1.48
N SER B 35 32.29 -22.59 -1.08
CA SER B 35 33.61 -22.67 -0.46
C SER B 35 33.59 -23.19 0.97
N THR B 36 32.46 -23.09 1.65
CA THR B 36 32.38 -23.52 3.03
C THR B 36 31.33 -24.60 3.27
N GLY B 37 30.38 -24.74 2.36
CA GLY B 37 29.29 -25.68 2.52
C GLY B 37 28.24 -25.24 3.53
N LEU B 38 28.33 -24.03 4.04
CA LEU B 38 27.33 -23.54 4.98
C LEU B 38 26.11 -23.00 4.24
N GLU B 39 24.94 -23.18 4.85
CA GLU B 39 23.68 -22.80 4.21
C GLU B 39 23.17 -21.45 4.70
N TYR B 40 22.50 -20.75 3.80
CA TYR B 40 21.99 -19.41 4.02
C TYR B 40 20.68 -19.29 3.25
N ALA B 41 20.00 -18.17 3.44
CA ALA B 41 18.84 -17.83 2.63
C ALA B 41 19.23 -16.66 1.73
N ALA B 42 19.10 -16.82 0.42
CA ALA B 42 19.40 -15.75 -0.52
C ALA B 42 18.13 -14.97 -0.87
N LYS B 43 18.07 -13.72 -0.43
CA LYS B 43 16.90 -12.89 -0.67
C LYS B 43 17.14 -12.00 -1.90
N PHE B 44 16.51 -12.37 -3.01
CA PHE B 44 16.64 -11.61 -4.25
C PHE B 44 15.65 -10.46 -4.26
N ILE B 45 16.16 -9.23 -4.25
CA ILE B 45 15.30 -8.05 -4.22
C ILE B 45 15.34 -7.36 -5.58
N LYS B 46 14.21 -7.33 -6.28
CA LYS B 46 14.13 -6.71 -7.59
C LYS B 46 14.33 -5.21 -7.45
N LYS B 47 15.32 -4.66 -8.15
CA LYS B 47 15.57 -3.23 -8.14
C LYS B 47 14.53 -2.48 -8.98
N ARG B 48 14.12 -1.32 -8.48
N ARG B 48 14.13 -1.32 -8.50
CA ARG B 48 13.26 -0.42 -9.23
CA ARG B 48 13.23 -0.44 -9.23
C ARG B 48 14.06 0.11 -10.40
C ARG B 48 14.01 0.21 -10.37
N GLN B 49 13.42 0.23 -11.56
CA GLN B 49 14.11 0.70 -12.75
C GLN B 49 13.73 2.14 -13.11
N SER B 50 12.72 2.69 -12.46
CA SER B 50 12.36 4.09 -12.70
C SER B 50 11.61 4.68 -11.51
N ARG B 51 11.75 5.99 -11.33
CA ARG B 51 11.20 6.66 -10.15
C ARG B 51 9.69 6.51 -10.07
N ALA B 52 9.03 6.46 -11.23
CA ALA B 52 7.58 6.45 -11.27
C ALA B 52 7.03 5.03 -11.16
N SER B 53 7.90 4.04 -11.34
CA SER B 53 7.46 2.65 -11.28
C SER B 53 7.04 2.24 -9.87
N ARG B 54 6.01 1.40 -9.79
CA ARG B 54 5.56 0.87 -8.52
C ARG B 54 6.08 -0.57 -8.32
N ARG B 55 6.92 -1.03 -9.25
CA ARG B 55 7.55 -2.35 -9.13
C ARG B 55 8.98 -2.28 -8.59
N GLY B 56 9.34 -3.24 -7.76
CA GLY B 56 10.69 -3.34 -7.23
C GLY B 56 10.99 -2.32 -6.15
N VAL B 57 12.22 -2.34 -5.65
CA VAL B 57 12.68 -1.42 -4.62
C VAL B 57 13.80 -0.52 -5.15
N CYS B 58 13.68 0.77 -4.89
CA CYS B 58 14.71 1.75 -5.20
C CYS B 58 16.06 1.32 -4.60
N ARG B 59 17.12 1.35 -5.43
CA ARG B 59 18.43 0.83 -5.00
C ARG B 59 18.94 1.57 -3.77
N GLU B 60 18.58 2.84 -3.65
CA GLU B 60 18.97 3.63 -2.47
C GLU B 60 18.34 3.07 -1.18
N GLU B 61 17.10 2.62 -1.28
N GLU B 61 17.10 2.62 -1.27
CA GLU B 61 16.41 2.03 -0.13
CA GLU B 61 16.43 2.03 -0.11
C GLU B 61 17.03 0.68 0.21
C GLU B 61 17.01 0.66 0.21
N ILE B 62 17.44 -0.08 -0.82
CA ILE B 62 18.08 -1.37 -0.57
C ILE B 62 19.40 -1.10 0.15
N GLU B 63 20.14 -0.09 -0.31
CA GLU B 63 21.38 0.30 0.35
C GLU B 63 21.15 0.64 1.82
N ARG B 64 20.04 1.30 2.10
CA ARG B 64 19.75 1.67 3.48
C ARG B 64 19.49 0.43 4.33
N GLU B 65 18.72 -0.52 3.80
CA GLU B 65 18.48 -1.76 4.55
C GLU B 65 19.80 -2.47 4.83
N VAL B 66 20.65 -2.57 3.82
CA VAL B 66 21.95 -3.25 3.97
C VAL B 66 22.84 -2.55 5.00
N SER B 67 22.80 -1.22 4.99
N SER B 67 22.81 -1.22 5.01
CA SER B 67 23.60 -0.45 5.93
CA SER B 67 23.65 -0.48 5.94
C SER B 67 23.20 -0.77 7.36
C SER B 67 23.19 -0.71 7.38
N ILE B 68 21.90 -0.99 7.56
CA ILE B 68 21.37 -1.28 8.90
C ILE B 68 21.72 -2.72 9.28
N LEU B 69 21.49 -3.63 8.36
CA LEU B 69 21.75 -5.04 8.61
C LEU B 69 23.22 -5.27 8.96
N ARG B 70 24.11 -4.54 8.30
CA ARG B 70 25.54 -4.72 8.52
C ARG B 70 25.94 -4.34 9.95
N GLN B 71 25.14 -3.50 10.59
CA GLN B 71 25.40 -3.05 11.96
C GLN B 71 24.86 -3.96 13.06
N VAL B 72 23.98 -4.90 12.71
CA VAL B 72 23.24 -5.62 13.74
C VAL B 72 23.69 -7.06 13.89
N LEU B 73 24.21 -7.37 15.09
CA LEU B 73 24.58 -8.72 15.45
C LEU B 73 23.98 -9.00 16.84
N HIS B 74 22.92 -9.78 16.87
CA HIS B 74 22.19 -10.07 18.12
C HIS B 74 21.44 -11.39 17.94
N PRO B 75 21.36 -12.21 18.99
CA PRO B 75 20.72 -13.54 18.82
C PRO B 75 19.28 -13.51 18.33
N ASN B 76 18.55 -12.42 18.53
CA ASN B 76 17.15 -12.39 18.08
C ASN B 76 16.93 -11.52 16.84
N ILE B 77 18.00 -11.20 16.13
CA ILE B 77 17.90 -10.43 14.89
C ILE B 77 18.64 -11.18 13.79
N ILE B 78 18.03 -11.24 12.62
CA ILE B 78 18.62 -11.95 11.49
C ILE B 78 20.03 -11.39 11.23
N THR B 79 20.96 -12.27 10.86
CA THR B 79 22.34 -11.86 10.64
C THR B 79 22.73 -11.88 9.17
N LEU B 80 23.14 -10.74 8.65
CA LEU B 80 23.52 -10.65 7.23
C LEU B 80 24.91 -11.25 7.00
N HIS B 81 25.06 -12.04 5.95
CA HIS B 81 26.34 -12.66 5.63
C HIS B 81 27.05 -11.96 4.47
N ASP B 82 26.33 -11.68 3.40
CA ASP B 82 26.95 -11.07 2.23
C ASP B 82 25.90 -10.40 1.35
N VAL B 83 26.36 -9.66 0.34
CA VAL B 83 25.46 -9.02 -0.61
C VAL B 83 26.08 -9.03 -1.99
N TYR B 84 25.31 -9.52 -2.97
CA TYR B 84 25.74 -9.57 -4.36
C TYR B 84 24.78 -8.72 -5.16
N GLU B 85 25.14 -8.40 -6.39
CA GLU B 85 24.26 -7.63 -7.26
C GLU B 85 24.47 -8.05 -8.71
N ASN B 86 23.38 -8.08 -9.46
CA ASN B 86 23.43 -8.24 -10.90
C ASN B 86 22.57 -7.15 -11.54
N ARG B 87 22.27 -7.28 -12.81
CA ARG B 87 21.57 -6.22 -13.52
C ARG B 87 20.21 -5.90 -12.89
N THR B 88 19.49 -6.93 -12.44
CA THR B 88 18.11 -6.75 -12.05
C THR B 88 17.81 -6.86 -10.55
N ASP B 89 18.68 -7.55 -9.81
N ASP B 89 18.67 -7.56 -9.81
CA ASP B 89 18.45 -7.88 -8.42
CA ASP B 89 18.43 -7.87 -8.40
C ASP B 89 19.65 -7.52 -7.54
C ASP B 89 19.64 -7.58 -7.53
N VAL B 90 19.37 -7.19 -6.29
CA VAL B 90 20.40 -7.17 -5.27
C VAL B 90 20.07 -8.41 -4.43
N VAL B 91 21.08 -9.20 -4.11
CA VAL B 91 20.86 -10.46 -3.42
C VAL B 91 21.46 -10.43 -2.03
N LEU B 92 20.61 -10.38 -1.02
CA LEU B 92 21.08 -10.44 0.36
C LEU B 92 21.28 -11.90 0.75
N ILE B 93 22.51 -12.28 1.12
CA ILE B 93 22.75 -13.60 1.70
C ILE B 93 22.55 -13.50 3.21
N LEU B 94 21.45 -14.07 3.68
CA LEU B 94 21.03 -13.96 5.07
C LEU B 94 21.24 -15.27 5.83
N GLU B 95 21.46 -15.14 7.14
CA GLU B 95 21.37 -16.29 8.02
C GLU B 95 20.10 -17.07 7.69
N LEU B 96 20.21 -18.38 7.57
CA LEU B 96 19.05 -19.23 7.28
C LEU B 96 18.21 -19.43 8.53
N VAL B 97 16.92 -19.13 8.45
CA VAL B 97 16.01 -19.38 9.56
C VAL B 97 15.01 -20.44 9.11
N SER B 98 15.06 -21.62 9.72
CA SER B 98 14.31 -22.76 9.17
C SER B 98 13.06 -23.14 9.95
N GLY B 99 12.72 -22.37 10.97
CA GLY B 99 11.63 -22.75 11.86
C GLY B 99 10.28 -22.13 11.53
N GLY B 100 10.19 -21.39 10.43
CA GLY B 100 8.92 -20.79 10.04
C GLY B 100 8.56 -19.62 10.94
N GLU B 101 7.29 -19.21 10.87
CA GLU B 101 6.82 -18.02 11.58
C GLU B 101 6.34 -18.44 12.96
N LEU B 102 6.57 -17.58 13.95
CA LEU B 102 6.19 -17.86 15.33
C LEU B 102 4.73 -18.24 15.43
N PHE B 103 3.86 -17.48 14.75
CA PHE B 103 2.43 -17.69 14.89
C PHE B 103 2.01 -19.07 14.38
N ASP B 104 2.62 -19.52 13.28
CA ASP B 104 2.33 -20.85 12.75
C ASP B 104 2.72 -21.92 13.78
N PHE B 105 3.81 -21.69 14.52
CA PHE B 105 4.23 -22.61 15.58
C PHE B 105 3.24 -22.61 16.74
N LEU B 106 2.86 -21.43 17.21
CA LEU B 106 1.91 -21.32 18.31
C LEU B 106 0.56 -21.91 17.91
N ALA B 107 0.24 -21.86 16.62
CA ALA B 107 -1.06 -22.31 16.14
C ALA B 107 -1.20 -23.83 16.13
N GLN B 108 -0.07 -24.54 16.09
CA GLN B 108 -0.08 -26.00 16.15
C GLN B 108 0.15 -26.43 17.58
N LYS B 109 0.32 -25.46 18.47
CA LYS B 109 0.58 -25.72 19.87
C LYS B 109 -0.67 -26.25 20.56
N GLU B 110 -0.48 -27.05 21.60
CA GLU B 110 -1.60 -27.64 22.32
C GLU B 110 -1.98 -26.79 23.52
N SER B 111 -0.98 -26.25 24.20
CA SER B 111 -1.18 -25.53 25.45
C SER B 111 -0.13 -24.44 25.63
N LEU B 112 -0.57 -23.25 26.05
CA LEU B 112 0.33 -22.10 26.19
C LEU B 112 -0.04 -21.29 27.42
N SER B 113 0.90 -21.12 28.35
CA SER B 113 0.66 -20.29 29.53
C SER B 113 1.20 -18.89 29.25
N GLU B 114 0.91 -17.95 30.14
CA GLU B 114 1.40 -16.60 29.96
C GLU B 114 2.90 -16.54 30.23
N GLU B 115 3.40 -17.49 31.02
CA GLU B 115 4.83 -17.56 31.26
C GLU B 115 5.54 -17.89 29.96
N GLU B 116 5.02 -18.86 29.25
CA GLU B 116 5.58 -19.22 27.94
C GLU B 116 5.42 -18.08 26.94
N ALA B 117 4.26 -17.42 26.97
CA ALA B 117 4.01 -16.29 26.06
C ALA B 117 5.01 -15.18 26.29
N THR B 118 5.26 -14.83 27.55
CA THR B 118 6.17 -13.73 27.85
C THR B 118 7.60 -14.10 27.47
N SER B 119 7.92 -15.39 27.47
CA SER B 119 9.26 -15.81 27.11
C SER B 119 9.50 -15.51 25.63
N PHE B 120 8.49 -15.71 24.80
CA PHE B 120 8.58 -15.36 23.39
C PHE B 120 8.58 -13.84 23.21
N ILE B 121 7.70 -13.16 23.91
CA ILE B 121 7.60 -11.71 23.78
C ILE B 121 8.90 -11.06 24.26
N LYS B 122 9.50 -11.64 25.27
CA LYS B 122 10.73 -11.07 25.81
C LYS B 122 11.85 -11.22 24.78
N GLN B 123 11.84 -12.31 24.02
CA GLN B 123 12.83 -12.46 22.96
C GLN B 123 12.67 -11.36 21.93
N ILE B 124 11.42 -11.03 21.59
CA ILE B 124 11.14 -9.93 20.69
C ILE B 124 11.66 -8.63 21.31
N LEU B 125 11.37 -8.41 22.59
CA LEU B 125 11.79 -7.19 23.26
C LEU B 125 13.30 -7.05 23.29
N ASP B 126 14.00 -8.18 23.45
CA ASP B 126 15.46 -8.16 23.49
C ASP B 126 16.02 -7.70 22.14
N GLY B 127 15.44 -8.23 21.06
CA GLY B 127 15.88 -7.86 19.72
C GLY B 127 15.60 -6.40 19.44
N VAL B 128 14.41 -5.95 19.81
CA VAL B 128 14.01 -4.57 19.58
C VAL B 128 14.84 -3.64 20.45
N ASN B 129 15.17 -4.07 21.66
CA ASN B 129 15.95 -3.24 22.57
C ASN B 129 17.32 -2.98 21.95
N TYR B 130 17.92 -4.03 21.41
CA TYR B 130 19.21 -3.93 20.76
C TYR B 130 19.13 -2.92 19.60
N LEU B 131 18.08 -3.01 18.79
CA LEU B 131 17.92 -2.09 17.66
C LEU B 131 17.76 -0.68 18.16
N HIS B 132 16.89 -0.50 19.15
CA HIS B 132 16.54 0.84 19.61
C HIS B 132 17.73 1.52 20.27
N THR B 133 18.59 0.73 20.91
CA THR B 133 19.80 1.30 21.50
C THR B 133 20.66 1.94 20.42
N LYS B 134 20.67 1.33 19.24
CA LYS B 134 21.39 1.86 18.09
C LYS B 134 20.53 2.82 17.27
N LYS B 135 19.45 3.30 17.89
CA LYS B 135 18.51 4.21 17.23
C LYS B 135 18.02 3.71 15.87
N ILE B 136 17.82 2.40 15.77
CA ILE B 136 17.22 1.81 14.59
C ILE B 136 15.78 1.43 14.90
N ALA B 137 14.83 1.99 14.14
CA ALA B 137 13.44 1.58 14.22
C ALA B 137 13.26 0.48 13.19
N HIS B 138 12.58 -0.61 13.56
CA HIS B 138 12.30 -1.68 12.61
C HIS B 138 11.19 -1.28 11.63
N PHE B 139 10.08 -0.77 12.16
CA PHE B 139 8.97 -0.19 11.37
C PHE B 139 8.15 -1.22 10.58
N ASP B 140 8.39 -2.50 10.81
CA ASP B 140 7.58 -3.53 10.16
C ASP B 140 7.43 -4.73 11.09
N LEU B 141 7.28 -4.46 12.39
CA LEU B 141 7.05 -5.51 13.35
C LEU B 141 5.63 -6.03 13.21
N LYS B 142 5.52 -7.29 12.80
CA LYS B 142 4.24 -7.97 12.62
C LYS B 142 4.54 -9.46 12.55
N PRO B 143 3.51 -10.31 12.78
CA PRO B 143 3.75 -11.76 12.88
C PRO B 143 4.64 -12.36 11.80
N GLU B 144 4.44 -12.02 10.53
CA GLU B 144 5.16 -12.69 9.46
C GLU B 144 6.64 -12.31 9.45
N ASN B 145 7.01 -11.28 10.20
CA ASN B 145 8.42 -10.93 10.34
C ASN B 145 9.05 -11.42 11.64
N ILE B 146 8.35 -12.31 12.32
CA ILE B 146 8.88 -12.91 13.53
C ILE B 146 9.00 -14.40 13.29
N MET B 147 10.22 -14.84 12.97
CA MET B 147 10.44 -16.24 12.63
CA MET B 147 10.47 -16.23 12.62
C MET B 147 11.13 -16.99 13.77
N LEU B 148 11.31 -18.29 13.58
CA LEU B 148 11.95 -19.15 14.56
C LEU B 148 13.11 -19.88 13.88
N LEU B 149 14.24 -20.00 14.58
CA LEU B 149 15.38 -20.77 14.06
C LEU B 149 15.04 -22.25 13.83
N ASP B 150 14.38 -22.87 14.80
CA ASP B 150 14.07 -24.29 14.79
C ASP B 150 12.82 -24.49 15.63
N LYS B 151 11.71 -24.88 15.00
CA LYS B 151 10.44 -25.03 15.71
C LYS B 151 10.37 -26.33 16.52
N ASN B 152 11.31 -27.25 16.27
CA ASN B 152 11.33 -28.55 16.96
C ASN B 152 12.23 -28.59 18.20
N ILE B 153 12.27 -27.52 18.98
CA ILE B 153 12.94 -27.57 20.27
C ILE B 153 12.01 -27.03 21.36
N PRO B 154 12.29 -27.38 22.63
CA PRO B 154 11.39 -27.00 23.73
C PRO B 154 11.05 -25.50 23.77
N ILE B 155 12.04 -24.64 23.59
CA ILE B 155 11.81 -23.20 23.61
C ILE B 155 12.32 -22.58 22.32
N PRO B 156 11.47 -22.50 21.29
CA PRO B 156 11.99 -22.01 20.01
C PRO B 156 12.58 -20.61 20.13
N HIS B 157 13.49 -20.31 19.21
CA HIS B 157 14.35 -19.14 19.30
C HIS B 157 13.94 -18.16 18.22
N ILE B 158 13.52 -16.97 18.64
CA ILE B 158 12.97 -15.98 17.72
C ILE B 158 14.06 -15.20 16.97
N LYS B 159 13.80 -14.97 15.69
CA LYS B 159 14.64 -14.13 14.84
C LYS B 159 13.73 -13.12 14.18
N LEU B 160 14.00 -11.83 14.38
CA LEU B 160 13.28 -10.78 13.67
C LEU B 160 13.92 -10.65 12.30
N ILE B 161 13.09 -10.63 11.26
CA ILE B 161 13.59 -10.47 9.90
C ILE B 161 13.00 -9.24 9.23
N ASP B 162 13.43 -9.01 7.99
CA ASP B 162 12.81 -8.04 7.09
C ASP B 162 13.00 -6.60 7.53
N PHE B 163 14.14 -6.03 7.14
CA PHE B 163 14.45 -4.67 7.50
C PHE B 163 14.20 -3.73 6.34
N GLY B 164 13.21 -4.08 5.51
CA GLY B 164 12.85 -3.29 4.35
C GLY B 164 12.31 -1.91 4.68
N LEU B 165 11.72 -1.75 5.86
CA LEU B 165 11.17 -0.48 6.28
C LEU B 165 11.98 0.15 7.43
N ALA B 166 13.02 -0.55 7.87
CA ALA B 166 13.84 -0.07 8.98
C ALA B 166 14.51 1.27 8.67
N HIS B 167 14.63 2.13 9.68
CA HIS B 167 15.23 3.44 9.50
C HIS B 167 16.04 3.83 10.72
N GLU B 168 17.20 4.46 10.51
CA GLU B 168 17.96 5.02 11.64
C GLU B 168 17.37 6.39 11.98
N ILE B 169 16.85 6.50 13.19
CA ILE B 169 16.25 7.74 13.66
C ILE B 169 17.32 8.72 14.08
N GLU B 170 17.37 9.88 13.43
CA GLU B 170 18.36 10.91 13.78
C GLU B 170 17.71 12.00 14.61
N ASP B 171 18.35 12.36 15.71
CA ASP B 171 17.86 13.43 16.56
C ASP B 171 17.75 14.69 15.72
N GLY B 172 16.67 15.45 15.93
CA GLY B 172 16.49 16.72 15.24
C GLY B 172 16.25 16.61 13.74
N VAL B 173 16.20 15.38 13.21
CA VAL B 173 15.81 15.20 11.81
C VAL B 173 14.48 14.46 11.76
N GLU B 174 13.47 15.14 11.22
CA GLU B 174 12.13 14.57 11.18
C GLU B 174 12.06 13.49 10.11
N PHE B 175 11.44 12.37 10.45
CA PHE B 175 11.21 11.31 9.48
C PHE B 175 9.72 11.03 9.39
N LYS B 176 9.17 11.17 8.19
CA LYS B 176 7.75 10.91 7.97
C LYS B 176 7.60 10.11 6.68
N ASN B 177 6.75 9.09 6.72
CA ASN B 177 6.50 8.31 5.53
C ASN B 177 5.21 7.52 5.72
N ILE B 178 4.64 7.02 4.62
CA ILE B 178 3.47 6.18 4.70
C ILE B 178 3.88 4.79 4.30
N PHE B 179 3.69 3.85 5.21
CA PHE B 179 4.10 2.48 4.99
C PHE B 179 3.44 1.57 6.02
N GLY B 180 3.68 0.27 5.92
CA GLY B 180 3.25 -0.67 6.95
C GLY B 180 1.89 -1.28 6.72
N THR B 181 1.62 -2.34 7.49
CA THR B 181 0.37 -3.09 7.39
C THR B 181 -0.65 -2.46 8.34
N PRO B 182 -1.80 -2.02 7.82
CA PRO B 182 -2.74 -1.23 8.62
C PRO B 182 -2.98 -1.79 10.01
N GLU B 183 -3.20 -3.09 10.11
CA GLU B 183 -3.52 -3.74 11.39
C GLU B 183 -2.50 -3.42 12.50
N PHE B 184 -1.26 -3.13 12.11
CA PHE B 184 -0.15 -3.01 13.06
C PHE B 184 0.50 -1.63 13.17
N VAL B 185 0.10 -0.66 12.37
CA VAL B 185 0.79 0.65 12.39
C VAL B 185 0.27 1.55 13.51
N ALA B 186 1.16 2.34 14.07
CA ALA B 186 0.80 3.27 15.15
C ALA B 186 0.03 4.48 14.62
N PRO B 187 -0.65 5.20 15.53
CA PRO B 187 -1.41 6.36 15.04
C PRO B 187 -0.55 7.40 14.33
N GLU B 188 0.73 7.54 14.70
CA GLU B 188 1.55 8.58 14.08
C GLU B 188 1.85 8.21 12.62
N ILE B 189 1.86 6.92 12.32
CA ILE B 189 1.97 6.48 10.95
C ILE B 189 0.69 6.81 10.19
N VAL B 190 -0.47 6.44 10.75
CA VAL B 190 -1.72 6.71 10.04
C VAL B 190 -1.88 8.23 9.79
N ASN B 191 -1.52 9.03 10.79
CA ASN B 191 -1.72 10.47 10.74
C ASN B 191 -0.61 11.22 10.01
N TYR B 192 0.38 10.49 9.49
CA TYR B 192 1.51 11.14 8.82
C TYR B 192 2.08 12.19 9.74
N GLU B 193 2.55 11.75 10.91
CA GLU B 193 3.20 12.62 11.89
C GLU B 193 4.62 12.11 12.11
N PRO B 194 5.46 12.90 12.78
CA PRO B 194 6.86 12.48 12.92
C PRO B 194 7.01 11.09 13.53
N LEU B 195 7.93 10.30 12.98
CA LEU B 195 8.07 8.90 13.37
C LEU B 195 9.36 8.69 14.14
N GLY B 196 9.38 7.70 15.02
CA GLY B 196 10.57 7.37 15.77
C GLY B 196 10.55 5.94 16.26
N LEU B 197 11.20 5.68 17.38
CA LEU B 197 11.28 4.33 17.94
C LEU B 197 9.94 3.88 18.51
N GLU B 198 9.03 4.83 18.74
CA GLU B 198 7.82 4.52 19.48
C GLU B 198 6.85 3.68 18.66
N ALA B 199 6.87 3.82 17.34
CA ALA B 199 5.97 3.05 16.49
C ALA B 199 6.16 1.57 16.73
N ASP B 200 7.42 1.15 16.92
CA ASP B 200 7.74 -0.24 17.17
C ASP B 200 7.06 -0.76 18.43
N MET B 201 6.97 0.10 19.43
CA MET B 201 6.39 -0.28 20.72
C MET B 201 4.89 -0.48 20.59
N TRP B 202 4.25 0.37 19.81
CA TRP B 202 2.83 0.18 19.53
C TRP B 202 2.61 -1.17 18.84
N SER B 203 3.43 -1.47 17.84
CA SER B 203 3.30 -2.72 17.10
C SER B 203 3.43 -3.91 18.08
N ILE B 204 4.36 -3.82 19.02
CA ILE B 204 4.54 -4.88 20.01
C ILE B 204 3.27 -5.05 20.84
N GLY B 205 2.63 -3.93 21.17
CA GLY B 205 1.34 -3.95 21.86
C GLY B 205 0.29 -4.72 21.07
N VAL B 206 0.24 -4.47 19.77
CA VAL B 206 -0.72 -5.17 18.93
C VAL B 206 -0.41 -6.66 18.82
N ILE B 207 0.88 -6.99 18.64
CA ILE B 207 1.28 -8.38 18.49
C ILE B 207 0.98 -9.18 19.76
N THR B 208 1.18 -8.55 20.90
CA THR B 208 0.93 -9.18 22.21
C THR B 208 -0.56 -9.43 22.39
N TYR B 209 -1.37 -8.45 22.01
CA TYR B 209 -2.80 -8.55 22.14
C TYR B 209 -3.32 -9.76 21.36
N ILE B 210 -2.86 -9.90 20.12
CA ILE B 210 -3.25 -11.03 19.28
C ILE B 210 -2.71 -12.34 19.86
N LEU B 211 -1.47 -12.30 20.35
CA LEU B 211 -0.86 -13.53 20.80
C LEU B 211 -1.69 -14.11 21.95
N LEU B 212 -2.14 -13.23 22.83
CA LEU B 212 -2.86 -13.66 24.03
C LEU B 212 -4.32 -14.04 23.77
N SER B 213 -4.95 -13.49 22.73
CA SER B 213 -6.41 -13.59 22.59
C SER B 213 -6.88 -14.15 21.24
N GLY B 214 -6.02 -14.06 20.22
CA GLY B 214 -6.37 -14.44 18.86
C GLY B 214 -7.12 -13.32 18.14
N ALA B 215 -7.61 -12.36 18.90
CA ALA B 215 -8.30 -11.19 18.35
C ALA B 215 -7.31 -10.07 18.06
N SER B 216 -7.72 -9.09 17.25
CA SER B 216 -6.87 -7.98 16.90
C SER B 216 -7.54 -6.70 17.39
N PRO B 217 -6.77 -5.82 18.03
CA PRO B 217 -7.37 -4.70 18.78
C PRO B 217 -8.08 -3.65 17.90
N PHE B 218 -7.56 -3.36 16.71
CA PHE B 218 -8.09 -2.27 15.90
C PHE B 218 -8.71 -2.72 14.57
N LEU B 219 -8.50 -3.98 14.23
CA LEU B 219 -8.95 -4.52 12.95
C LEU B 219 -10.47 -4.35 12.79
N GLY B 220 -10.88 -3.69 11.71
CA GLY B 220 -12.29 -3.52 11.42
C GLY B 220 -12.71 -4.33 10.21
N ASP B 221 -13.95 -4.13 9.76
CA ASP B 221 -14.44 -4.81 8.57
C ASP B 221 -13.67 -4.36 7.32
N THR B 222 -13.18 -3.12 7.35
CA THR B 222 -12.46 -2.55 6.21
C THR B 222 -11.21 -1.78 6.67
N LYS B 223 -10.29 -1.53 5.75
CA LYS B 223 -9.10 -0.75 6.09
C LYS B 223 -9.50 0.62 6.64
N GLN B 224 -10.53 1.23 6.05
CA GLN B 224 -11.02 2.51 6.54
C GLN B 224 -11.35 2.45 8.03
N GLU B 225 -12.03 1.38 8.45
CA GLU B 225 -12.40 1.23 9.85
C GLU B 225 -11.18 0.99 10.72
N THR B 226 -10.26 0.16 10.25
CA THR B 226 -9.04 -0.14 11.00
C THR B 226 -8.29 1.14 11.30
N LEU B 227 -8.11 1.95 10.28
CA LEU B 227 -7.38 3.21 10.42
C LEU B 227 -8.09 4.15 11.40
N ALA B 228 -9.41 4.24 11.30
CA ALA B 228 -10.18 5.08 12.21
C ALA B 228 -10.02 4.58 13.65
N ASN B 229 -10.14 3.27 13.84
CA ASN B 229 -9.97 2.66 15.14
C ASN B 229 -8.60 2.95 15.75
N ILE B 230 -7.56 2.86 14.91
CA ILE B 230 -6.20 3.10 15.38
C ILE B 230 -6.05 4.55 15.87
N THR B 231 -6.50 5.49 15.05
CA THR B 231 -6.29 6.90 15.37
C THR B 231 -7.19 7.35 16.53
N ALA B 232 -8.29 6.64 16.75
CA ALA B 232 -9.15 6.91 17.89
C ALA B 232 -8.72 6.07 19.10
N VAL B 233 -7.74 5.20 18.90
CA VAL B 233 -7.31 4.23 19.92
C VAL B 233 -8.53 3.57 20.52
N SER B 234 -9.39 3.09 19.64
CA SER B 234 -10.61 2.44 20.05
C SER B 234 -10.39 0.93 20.04
N TYR B 235 -10.24 0.35 21.23
CA TYR B 235 -10.19 -1.11 21.35
C TYR B 235 -10.74 -1.53 22.72
N ASP B 236 -10.91 -2.83 22.91
CA ASP B 236 -11.42 -3.34 24.17
C ASP B 236 -10.72 -4.65 24.52
N PHE B 237 -10.98 -5.15 25.72
CA PHE B 237 -10.58 -6.49 26.10
C PHE B 237 -11.86 -7.28 26.25
N ASP B 238 -12.42 -7.69 25.12
CA ASP B 238 -13.70 -8.41 25.09
C ASP B 238 -13.57 -9.67 25.93
N GLU B 239 -14.45 -9.85 26.91
CA GLU B 239 -14.38 -10.99 27.81
C GLU B 239 -14.48 -12.32 27.08
N GLU B 240 -15.12 -12.32 25.91
CA GLU B 240 -15.19 -13.54 25.12
C GLU B 240 -13.79 -14.10 24.90
N PHE B 241 -12.81 -13.23 24.73
CA PHE B 241 -11.46 -13.65 24.37
C PHE B 241 -10.42 -13.38 25.45
N PHE B 242 -10.74 -12.52 26.41
CA PHE B 242 -9.75 -12.11 27.41
C PHE B 242 -10.12 -12.57 28.81
N SER B 243 -11.05 -13.52 28.93
CA SER B 243 -11.50 -13.93 30.25
C SER B 243 -10.38 -14.54 31.08
N GLN B 244 -9.42 -15.20 30.43
CA GLN B 244 -8.33 -15.87 31.15
C GLN B 244 -7.04 -15.04 31.20
N THR B 245 -7.08 -13.80 30.72
CA THR B 245 -5.86 -12.99 30.63
C THR B 245 -5.60 -12.27 31.94
N SER B 246 -4.34 -12.23 32.38
CA SER B 246 -4.01 -11.63 33.66
C SER B 246 -4.10 -10.12 33.53
N GLU B 247 -4.30 -9.45 34.66
N GLU B 247 -4.32 -9.45 34.66
CA GLU B 247 -4.39 -7.99 34.67
CA GLU B 247 -4.39 -7.99 34.68
C GLU B 247 -3.05 -7.35 34.38
C GLU B 247 -3.05 -7.40 34.29
N LEU B 248 -1.95 -8.06 34.67
CA LEU B 248 -0.62 -7.54 34.34
C LEU B 248 -0.41 -7.56 32.84
N ALA B 249 -0.85 -8.63 32.18
CA ALA B 249 -0.77 -8.72 30.73
C ALA B 249 -1.56 -7.57 30.11
N LYS B 250 -2.77 -7.35 30.60
CA LYS B 250 -3.59 -6.28 30.06
C LYS B 250 -2.94 -4.93 30.30
N ASP B 251 -2.31 -4.78 31.46
CA ASP B 251 -1.66 -3.52 31.81
C ASP B 251 -0.52 -3.21 30.84
N PHE B 252 0.26 -4.24 30.51
CA PHE B 252 1.34 -4.16 29.55
C PHE B 252 0.82 -3.62 28.22
N ILE B 253 -0.22 -4.26 27.72
CA ILE B 253 -0.82 -3.88 26.44
C ILE B 253 -1.36 -2.45 26.53
N ARG B 254 -2.02 -2.13 27.63
CA ARG B 254 -2.64 -0.82 27.78
C ARG B 254 -1.59 0.28 27.70
N LYS B 255 -0.41 0.01 28.23
CA LYS B 255 0.65 1.00 28.27
C LYS B 255 1.41 1.14 26.94
N LEU B 256 1.19 0.20 26.03
CA LEU B 256 1.80 0.25 24.71
C LEU B 256 0.85 0.86 23.66
N LEU B 257 -0.44 0.59 23.80
CA LEU B 257 -1.43 1.07 22.84
C LEU B 257 -1.91 2.48 23.24
N VAL B 258 -0.98 3.43 23.19
N VAL B 258 -0.99 3.44 23.26
CA VAL B 258 -1.22 4.80 23.64
CA VAL B 258 -1.34 4.80 23.63
C VAL B 258 -0.90 5.78 22.51
C VAL B 258 -0.92 5.76 22.53
N LYS B 259 -1.82 6.67 22.18
CA LYS B 259 -1.62 7.57 21.05
C LYS B 259 -0.38 8.45 21.22
N GLU B 260 -0.26 9.10 22.37
CA GLU B 260 0.83 10.05 22.59
C GLU B 260 2.16 9.32 22.70
N THR B 261 3.07 9.67 21.80
CA THR B 261 4.35 8.98 21.67
C THR B 261 5.19 9.13 22.93
N ARG B 262 5.09 10.28 23.59
CA ARG B 262 5.85 10.55 24.81
C ARG B 262 5.43 9.64 25.96
N LYS B 263 4.16 9.23 25.97
CA LYS B 263 3.63 8.47 27.09
C LYS B 263 3.71 6.96 26.88
N ARG B 264 3.77 6.54 25.62
CA ARG B 264 3.88 5.12 25.29
C ARG B 264 5.12 4.52 25.96
N LEU B 265 5.02 3.27 26.44
CA LEU B 265 6.20 2.61 27.00
C LEU B 265 7.36 2.62 26.01
N THR B 266 8.57 2.93 26.49
CA THR B 266 9.76 2.72 25.69
C THR B 266 10.18 1.26 25.82
N ILE B 267 11.15 0.83 25.02
CA ILE B 267 11.54 -0.58 25.02
C ILE B 267 12.14 -0.95 26.39
N GLN B 268 12.88 -0.02 27.00
CA GLN B 268 13.46 -0.29 28.32
C GLN B 268 12.36 -0.47 29.36
N GLU B 269 11.36 0.42 29.33
CA GLU B 269 10.24 0.28 30.23
C GLU B 269 9.46 -1.02 29.98
N ALA B 270 9.28 -1.39 28.72
CA ALA B 270 8.59 -2.64 28.40
C ALA B 270 9.34 -3.83 29.01
N LEU B 271 10.66 -3.85 28.87
CA LEU B 271 11.48 -4.94 29.41
C LEU B 271 11.38 -5.01 30.95
N ARG B 272 11.06 -3.89 31.58
CA ARG B 272 11.00 -3.81 33.02
C ARG B 272 9.57 -3.91 33.56
N HIS B 273 8.59 -4.03 32.68
CA HIS B 273 7.21 -4.13 33.12
C HIS B 273 7.07 -5.45 33.88
N PRO B 274 6.32 -5.45 35.00
CA PRO B 274 6.20 -6.64 35.86
C PRO B 274 5.72 -7.90 35.12
N TRP B 275 4.87 -7.73 34.11
CA TRP B 275 4.43 -8.88 33.33
C TRP B 275 5.62 -9.59 32.67
N ILE B 276 6.59 -8.81 32.20
CA ILE B 276 7.75 -9.39 31.53
C ILE B 276 8.81 -9.82 32.53
N THR B 277 9.03 -8.98 33.53
CA THR B 277 10.05 -9.19 34.54
C THR B 277 9.43 -9.07 35.92
N PRO B 278 8.87 -10.18 36.43
CA PRO B 278 8.22 -10.14 37.74
C PRO B 278 9.22 -9.72 38.82
N VAL B 279 8.74 -8.96 39.80
CA VAL B 279 9.60 -8.49 40.90
C VAL B 279 9.42 -9.32 42.17
N ASP B 280 8.59 -10.36 42.12
CA ASP B 280 8.45 -11.27 43.27
C ASP B 280 7.71 -12.56 42.91
N THR B 281 7.81 -13.55 43.78
CA THR B 281 7.21 -14.85 43.54
C THR B 281 5.71 -14.73 43.29
N GLN B 282 5.07 -13.78 43.98
CA GLN B 282 3.63 -13.63 43.87
C GLN B 282 3.21 -13.36 42.44
N GLN B 283 3.91 -12.46 41.76
CA GLN B 283 3.59 -12.12 40.37
C GLN B 283 3.95 -13.28 39.45
N ALA B 284 5.05 -13.95 39.74
CA ALA B 284 5.50 -15.06 38.90
C ALA B 284 4.47 -16.19 38.88
N MET B 285 3.78 -16.38 40.00
CA MET B 285 2.75 -17.40 40.10
C MET B 285 1.54 -17.03 39.25
N VAL B 286 1.07 -15.80 39.41
CA VAL B 286 -0.10 -15.34 38.67
C VAL B 286 0.13 -15.59 37.18
N ARG B 287 1.34 -15.30 36.73
CA ARG B 287 1.71 -15.44 35.33
C ARG B 287 1.72 -16.91 34.92
N ARG B 288 2.28 -17.74 35.79
CA ARG B 288 2.38 -19.18 35.57
C ARG B 288 1.01 -19.87 35.48
N GLU B 289 0.02 -19.27 36.12
CA GLU B 289 -1.32 -19.87 36.23
C GLU B 289 -2.30 -19.31 35.21
N SER B 290 -1.86 -18.29 34.48
CA SER B 290 -2.72 -17.67 33.49
C SER B 290 -2.55 -18.41 32.17
N VAL B 291 -3.65 -18.96 31.68
CA VAL B 291 -3.60 -19.77 30.48
C VAL B 291 -4.08 -18.94 29.29
N VAL B 292 -3.39 -19.10 28.17
N VAL B 292 -3.45 -19.15 28.14
CA VAL B 292 -3.80 -18.49 26.92
CA VAL B 292 -3.72 -18.37 26.93
C VAL B 292 -4.65 -19.50 26.15
C VAL B 292 -4.88 -18.94 26.10
N ASN B 293 -5.95 -19.30 26.14
N ASN B 293 -5.45 -18.12 25.22
CA ASN B 293 -6.82 -20.12 25.33
CA ASN B 293 -6.61 -18.49 24.41
C ASN B 293 -6.45 -19.92 23.86
C ASN B 293 -6.22 -19.05 23.04
N LEU B 294 -5.90 -20.96 23.24
N LEU B 294 -5.83 -20.32 23.01
CA LEU B 294 -5.46 -20.87 21.84
CA LEU B 294 -5.41 -20.94 21.75
C LEU B 294 -6.63 -21.01 20.87
C LEU B 294 -6.58 -21.28 20.84
N GLU B 295 -7.80 -21.30 21.40
CA GLU B 295 -8.98 -21.56 20.56
C GLU B 295 -9.19 -20.48 19.50
N ASN B 296 -9.33 -19.23 19.93
CA ASN B 296 -9.57 -18.14 18.99
C ASN B 296 -8.34 -17.90 18.11
N PHE B 297 -7.16 -18.02 18.70
CA PHE B 297 -5.92 -17.82 17.97
C PHE B 297 -5.83 -18.78 16.77
N LYS B 298 -6.21 -20.04 17.00
CA LYS B 298 -6.12 -21.06 15.95
C LYS B 298 -7.16 -20.81 14.88
N LYS B 299 -8.34 -20.37 15.31
CA LYS B 299 -9.39 -20.01 14.38
C LYS B 299 -8.87 -18.94 13.44
N GLN B 300 -8.11 -18.00 13.98
CA GLN B 300 -7.66 -16.85 13.20
C GLN B 300 -6.41 -17.13 12.39
N TYR B 301 -5.61 -18.11 12.80
CA TYR B 301 -4.29 -18.31 12.19
C TYR B 301 -4.04 -19.72 11.67
N VAL B 302 -5.11 -20.49 11.51
CA VAL B 302 -5.02 -21.81 10.87
C VAL B 302 -5.91 -21.86 9.64
#